data_2AZQ
#
_entry.id   2AZQ
#
_cell.length_a   62.73
_cell.length_b   71.52
_cell.length_c   187.09
_cell.angle_alpha   90
_cell.angle_beta   90
_cell.angle_gamma   90
#
_symmetry.space_group_name_H-M   'C 2 2 21'
#
loop_
_entity.id
_entity.type
_entity.pdbx_description
1 polymer 'catechol 1,2-dioxygenase'
2 non-polymer 'FE (III) ION'
3 non-polymer 1,2-DIACYL-SN-GLYCERO-3-PHOSHOCHOLINE
#
_entity_poly.entity_id   1
_entity_poly.type   'polypeptide(L)'
_entity_poly.pdbx_seq_one_letter_code
;MTVKISHTADIQAFFNQVAGLDHAEGKPRFKQIILRVLQDTARLIEDLEITEDEFWHAVDYLNRLGGRNEAGLLAAGLGI
EHFLDLLQDAKDAEAGLGGGTPRTIEGPLYVAGAPLAQGEVRMDDGTDPGVVMFLQGQVFDANGKPLAGATVDLWHANTQ
GTYSYFDSTQSEFNLRRRIITDAEGRYRARSIVPSGYGCDPQGPTQECLDLLGRHGQRPAHVHFFISAFGHRHLTTQINF
AGDKYLWDDFAYATRDGLIGELRFVEDAAAARDRGVQGERFAELSFDFRLQGAQSPDAEARSHRPRALQEG
;
_entity_poly.pdbx_strand_id   A
#
loop_
_chem_comp.id
_chem_comp.type
_chem_comp.name
_chem_comp.formula
FE non-polymer 'FE (III) ION' 'Fe 3'
PCF non-polymer 1,2-DIACYL-SN-GLYCERO-3-PHOSHOCHOLINE 'C40 H80 N O8 P'
#
# COMPACT_ATOMS: atom_id res chain seq x y z
N VAL A 3 40.19 7.77 -7.92
CA VAL A 3 40.42 8.94 -6.99
C VAL A 3 39.36 9.12 -5.93
N LYS A 4 39.80 9.12 -4.68
CA LYS A 4 38.91 9.25 -3.53
C LYS A 4 39.31 10.48 -2.68
N ILE A 5 38.40 11.44 -2.51
CA ILE A 5 38.71 12.63 -1.72
C ILE A 5 37.77 12.70 -0.53
N SER A 6 36.68 11.93 -0.62
CA SER A 6 35.63 11.85 0.39
C SER A 6 36.10 11.45 1.82
N HIS A 7 37.25 10.77 1.89
CA HIS A 7 37.82 10.27 3.14
C HIS A 7 38.77 11.27 3.82
N THR A 8 39.09 12.36 3.12
CA THR A 8 39.99 13.38 3.64
C THR A 8 39.26 14.33 4.59
N ALA A 9 39.98 14.83 5.58
CA ALA A 9 39.42 15.77 6.56
C ALA A 9 38.87 17.01 5.85
N ASP A 10 39.55 17.38 4.76
CA ASP A 10 39.19 18.54 3.96
C ASP A 10 37.72 18.42 3.48
N ILE A 11 37.31 17.20 3.10
CA ILE A 11 35.94 16.97 2.63
C ILE A 11 34.96 16.66 3.77
N GLN A 12 35.41 16.00 4.84
CA GLN A 12 34.52 15.72 5.94
C GLN A 12 34.15 17.02 6.61
N ALA A 13 35.06 17.98 6.60
CA ALA A 13 34.81 19.28 7.19
C ALA A 13 33.78 20.02 6.34
N PHE A 14 33.82 19.81 5.04
CA PHE A 14 32.87 20.47 4.15
C PHE A 14 31.42 19.93 4.30
N PHE A 15 31.28 18.62 4.40
CA PHE A 15 29.96 18.02 4.55
C PHE A 15 29.41 18.43 5.88
N ASN A 16 30.32 18.59 6.84
CA ASN A 16 29.98 19.01 8.19
C ASN A 16 29.24 20.36 8.14
N GLN A 17 29.80 21.34 7.43
CA GLN A 17 29.15 22.65 7.36
C GLN A 17 27.90 22.64 6.48
N VAL A 18 27.83 21.74 5.51
CA VAL A 18 26.65 21.69 4.66
C VAL A 18 25.46 21.21 5.46
N ALA A 19 25.70 20.18 6.28
CA ALA A 19 24.67 19.60 7.11
C ALA A 19 24.09 20.63 8.10
N GLY A 20 24.82 21.72 8.34
CA GLY A 20 24.35 22.77 9.22
C GLY A 20 24.99 22.77 10.62
N LEU A 21 26.02 21.94 10.81
CA LEU A 21 26.69 21.86 12.11
C LEU A 21 27.53 23.12 12.34
N ASP A 22 27.32 24.06 11.45
CA ASP A 22 27.99 25.34 11.54
C ASP A 22 27.18 26.34 12.37
N HIS A 23 26.08 25.90 12.96
CA HIS A 23 25.28 26.80 13.79
C HIS A 23 24.28 26.13 14.74
N ALA A 24 23.54 26.95 15.46
CA ALA A 24 22.63 26.40 16.45
C ALA A 24 21.17 26.37 16.12
N GLU A 25 20.82 26.66 14.87
CA GLU A 25 19.44 26.68 14.42
C GLU A 25 19.16 25.33 13.80
N GLY A 26 17.90 25.08 13.45
CA GLY A 26 17.51 23.83 12.80
C GLY A 26 17.45 22.62 13.70
N LYS A 27 17.18 21.43 13.15
CA LYS A 27 17.13 20.19 13.93
C LYS A 27 18.40 19.39 13.95
N PRO A 28 18.93 19.12 15.15
CA PRO A 28 20.15 18.33 15.23
C PRO A 28 19.93 16.94 14.64
N ARG A 29 18.68 16.60 14.30
CA ARG A 29 18.37 15.28 13.71
C ARG A 29 18.65 15.29 12.19
N PHE A 30 18.06 16.22 11.42
CA PHE A 30 18.35 16.26 9.98
C PHE A 30 19.81 16.44 9.75
N LYS A 31 20.41 17.28 10.59
CA LYS A 31 21.81 17.54 10.46
C LYS A 31 22.55 16.21 10.45
N GLN A 32 22.24 15.32 11.40
CA GLN A 32 22.91 14.02 11.44
C GLN A 32 22.56 13.17 10.21
N ILE A 33 21.30 13.21 9.78
CA ILE A 33 20.86 12.45 8.61
C ILE A 33 21.49 12.99 7.28
N ILE A 34 21.49 14.32 7.10
CA ILE A 34 22.10 14.90 5.91
C ILE A 34 23.62 14.74 5.93
N LEU A 35 24.24 14.67 7.10
CA LEU A 35 25.71 14.51 7.13
C LEU A 35 25.94 13.12 6.51
N ARG A 36 25.13 12.18 6.96
CA ARG A 36 25.22 10.81 6.49
C ARG A 36 24.84 10.67 5.00
N VAL A 37 23.66 11.18 4.60
CA VAL A 37 23.25 11.09 3.19
C VAL A 37 24.33 11.62 2.27
N LEU A 38 25.06 12.65 2.72
CA LEU A 38 26.15 13.22 1.91
C LEU A 38 27.43 12.36 1.82
N GLN A 39 27.84 11.75 2.93
CA GLN A 39 29.05 10.91 2.97
C GLN A 39 28.85 9.67 2.13
N ASP A 40 27.65 9.10 2.20
CA ASP A 40 27.32 7.91 1.43
C ASP A 40 27.19 8.26 -0.05
N THR A 41 26.41 9.30 -0.38
CA THR A 41 26.24 9.67 -1.77
C THR A 41 27.61 9.85 -2.43
N ALA A 42 28.51 10.52 -1.73
CA ALA A 42 29.85 10.75 -2.22
C ALA A 42 30.61 9.44 -2.49
N ARG A 43 30.44 8.45 -1.60
CA ARG A 43 31.12 7.16 -1.79
C ARG A 43 30.61 6.40 -3.00
N LEU A 44 29.31 6.41 -3.26
CA LEU A 44 28.85 5.71 -4.46
C LEU A 44 29.60 6.34 -5.63
N ILE A 45 29.46 7.66 -5.74
CA ILE A 45 30.12 8.36 -6.82
C ILE A 45 31.58 7.99 -6.94
N GLU A 46 32.25 7.78 -5.81
CA GLU A 46 33.66 7.41 -5.89
C GLU A 46 33.92 5.92 -6.07
N ASP A 47 33.01 5.08 -5.60
CA ASP A 47 33.15 3.64 -5.71
C ASP A 47 32.66 3.10 -7.05
N LEU A 48 31.64 3.70 -7.62
CA LEU A 48 31.10 3.22 -8.89
C LEU A 48 31.49 4.16 -10.01
N GLU A 49 32.29 5.15 -9.62
CA GLU A 49 32.75 6.14 -10.57
C GLU A 49 31.64 6.63 -11.49
N ILE A 50 30.63 7.23 -10.88
CA ILE A 50 29.52 7.79 -11.64
C ILE A 50 30.05 9.00 -12.42
N THR A 51 29.70 9.08 -13.69
CA THR A 51 30.11 10.16 -14.56
C THR A 51 29.26 11.42 -14.26
N GLU A 52 29.65 12.59 -14.77
CA GLU A 52 28.82 13.77 -14.56
C GLU A 52 27.49 13.58 -15.27
N ASP A 53 27.51 12.99 -16.48
CA ASP A 53 26.28 12.74 -17.23
C ASP A 53 25.33 11.84 -16.47
N GLU A 54 25.87 10.83 -15.80
CA GLU A 54 25.00 9.94 -15.07
C GLU A 54 24.39 10.71 -13.90
N PHE A 55 25.22 11.45 -13.21
CA PHE A 55 24.78 12.23 -12.07
C PHE A 55 23.67 13.19 -12.42
N TRP A 56 23.84 13.92 -13.53
CA TRP A 56 22.82 14.90 -13.92
C TRP A 56 21.55 14.32 -14.59
N HIS A 57 21.62 13.11 -15.14
CA HIS A 57 20.41 12.50 -15.68
C HIS A 57 19.59 12.00 -14.45
N ALA A 58 20.31 11.63 -13.38
CA ALA A 58 19.65 11.18 -12.16
C ALA A 58 18.90 12.38 -11.53
N VAL A 59 19.59 13.51 -11.41
CA VAL A 59 18.95 14.69 -10.85
C VAL A 59 17.72 15.04 -11.70
N ASP A 60 17.84 14.98 -13.02
CA ASP A 60 16.71 15.28 -13.90
C ASP A 60 15.60 14.21 -13.83
N TYR A 61 15.97 12.94 -13.77
CA TYR A 61 14.99 11.87 -13.64
C TYR A 61 14.19 12.19 -12.39
N LEU A 62 14.90 12.60 -11.35
CA LEU A 62 14.32 12.95 -10.06
C LEU A 62 13.31 14.10 -10.16
N ASN A 63 13.46 14.96 -11.16
CA ASN A 63 12.48 16.02 -11.32
C ASN A 63 11.26 15.43 -11.94
N ARG A 64 11.45 14.53 -12.90
CA ARG A 64 10.31 13.93 -13.55
C ARG A 64 9.57 12.95 -12.62
N LEU A 65 10.33 12.26 -11.75
CA LEU A 65 9.68 11.33 -10.84
C LEU A 65 8.83 12.16 -9.92
N GLY A 66 9.35 13.32 -9.55
CA GLY A 66 8.61 14.20 -8.69
C GLY A 66 7.37 14.77 -9.35
N GLY A 67 7.52 15.31 -10.56
CA GLY A 67 6.39 15.88 -11.27
C GLY A 67 5.28 14.97 -11.81
N ARG A 68 5.44 13.65 -11.75
CA ARG A 68 4.39 12.73 -12.20
C ARG A 68 3.80 12.24 -10.86
N ASN A 69 4.58 12.56 -9.82
CA ASN A 69 4.27 12.21 -8.45
C ASN A 69 4.32 10.69 -8.18
N GLU A 70 5.39 10.04 -8.67
CA GLU A 70 5.53 8.60 -8.51
C GLU A 70 6.61 8.14 -7.53
N ALA A 71 7.02 9.02 -6.63
CA ALA A 71 8.05 8.68 -5.68
C ALA A 71 7.62 7.48 -4.82
N GLY A 72 6.34 7.42 -4.46
CA GLY A 72 5.88 6.32 -3.65
C GLY A 72 5.82 5.08 -4.54
N LEU A 73 5.51 5.28 -5.82
CA LEU A 73 5.41 4.15 -6.73
C LEU A 73 6.77 3.51 -7.00
N LEU A 74 7.82 4.31 -6.97
CA LEU A 74 9.16 3.80 -7.16
C LEU A 74 9.69 3.10 -5.89
N ALA A 75 9.44 3.65 -4.70
CA ALA A 75 9.91 3.00 -3.48
C ALA A 75 9.28 1.60 -3.45
N ALA A 76 8.05 1.55 -3.95
CA ALA A 76 7.30 0.31 -4.02
C ALA A 76 7.92 -0.66 -5.04
N GLY A 77 8.29 -0.13 -6.20
CA GLY A 77 8.88 -0.97 -7.23
C GLY A 77 10.28 -1.44 -6.89
N LEU A 78 11.02 -0.66 -6.12
CA LEU A 78 12.36 -1.07 -5.76
C LEU A 78 12.38 -1.97 -4.52
N GLY A 79 11.19 -2.31 -4.03
CA GLY A 79 11.10 -3.19 -2.90
C GLY A 79 11.37 -2.55 -1.57
N ILE A 80 11.52 -1.22 -1.60
CA ILE A 80 11.76 -0.42 -0.41
C ILE A 80 10.53 -0.47 0.54
N GLU A 81 9.33 -0.44 -0.02
CA GLU A 81 8.17 -0.50 0.84
C GLU A 81 8.07 -1.88 1.50
N HIS A 82 8.26 -2.95 0.72
CA HIS A 82 8.20 -4.29 1.32
C HIS A 82 9.24 -4.39 2.44
N PHE A 83 10.47 -3.91 2.15
CA PHE A 83 11.55 -3.95 3.11
C PHE A 83 11.18 -3.32 4.46
N LEU A 84 10.41 -2.23 4.42
CA LEU A 84 10.01 -1.63 5.68
C LEU A 84 9.12 -2.57 6.47
N ASP A 85 8.17 -3.26 5.83
CA ASP A 85 7.32 -4.17 6.58
C ASP A 85 8.17 -5.31 7.16
N LEU A 86 9.23 -5.70 6.45
CA LEU A 86 10.07 -6.77 6.94
C LEU A 86 10.75 -6.37 8.22
N LEU A 87 11.21 -5.14 8.23
CA LEU A 87 11.91 -4.57 9.37
C LEU A 87 10.92 -4.31 10.49
N GLN A 88 9.68 -4.00 10.12
CA GLN A 88 8.66 -3.74 11.14
C GLN A 88 8.34 -5.08 11.77
N ASP A 89 8.39 -6.13 10.95
CA ASP A 89 8.14 -7.50 11.42
C ASP A 89 9.25 -7.97 12.35
N ALA A 90 10.50 -7.78 11.92
CA ALA A 90 11.62 -8.22 12.75
C ALA A 90 11.56 -7.47 14.07
N LYS A 91 11.12 -6.22 14.02
CA LYS A 91 11.04 -5.45 15.23
C LYS A 91 9.94 -6.01 16.11
N ASP A 92 8.86 -6.50 15.53
CA ASP A 92 7.80 -7.03 16.37
C ASP A 92 8.20 -8.37 16.93
N ALA A 93 9.05 -9.11 16.22
CA ALA A 93 9.45 -10.40 16.74
C ALA A 93 10.16 -10.16 18.08
N GLU A 94 11.03 -9.16 18.14
CA GLU A 94 11.74 -8.89 19.39
C GLU A 94 10.83 -8.50 20.53
N ALA A 95 9.87 -7.61 20.27
CA ALA A 95 8.95 -7.17 21.31
C ALA A 95 7.87 -8.24 21.57
N GLY A 96 8.05 -9.41 20.95
CA GLY A 96 7.12 -10.51 21.12
C GLY A 96 5.68 -10.28 20.69
N LEU A 97 5.47 -9.39 19.71
CA LEU A 97 4.14 -9.08 19.21
C LEU A 97 3.73 -9.97 18.02
N GLY A 98 3.58 -11.27 18.25
CA GLY A 98 3.18 -12.21 17.21
C GLY A 98 1.70 -12.09 16.85
N GLY A 99 1.42 -11.16 15.94
CA GLY A 99 0.07 -10.86 15.51
C GLY A 99 -0.82 -11.85 14.80
N GLY A 100 -1.93 -11.33 14.29
CA GLY A 100 -2.90 -12.14 13.59
C GLY A 100 -2.58 -12.14 12.12
N THR A 101 -3.38 -11.41 11.34
CA THR A 101 -3.17 -11.35 9.90
C THR A 101 -1.85 -10.59 9.59
N PRO A 102 -1.02 -11.14 8.71
CA PRO A 102 0.23 -10.47 8.37
C PRO A 102 -0.04 -9.09 7.78
N ARG A 103 0.99 -8.25 7.77
CA ARG A 103 0.85 -6.93 7.20
C ARG A 103 1.53 -6.91 5.83
N THR A 104 1.24 -5.89 5.03
CA THR A 104 1.84 -5.77 3.72
C THR A 104 1.68 -4.34 3.20
N ILE A 105 2.60 -3.91 2.35
CA ILE A 105 2.59 -2.54 1.89
C ILE A 105 1.25 -1.92 1.62
N GLU A 106 1.15 -0.63 1.96
CA GLU A 106 -0.05 0.18 1.78
C GLU A 106 -0.29 0.59 0.32
N GLY A 107 0.77 1.03 -0.37
CA GLY A 107 0.60 1.51 -1.74
C GLY A 107 0.45 3.03 -1.71
N PRO A 108 0.58 3.69 -2.87
CA PRO A 108 0.46 5.16 -2.93
C PRO A 108 -0.91 5.75 -3.25
N LEU A 109 -1.93 4.91 -3.44
CA LEU A 109 -3.27 5.36 -3.84
C LEU A 109 -4.45 5.41 -2.86
N TYR A 110 -4.19 5.67 -1.58
CA TYR A 110 -5.27 5.78 -0.61
C TYR A 110 -5.87 7.18 -0.66
N VAL A 111 -7.14 7.33 -0.27
CA VAL A 111 -7.83 8.63 -0.22
C VAL A 111 -8.74 8.67 1.02
N ALA A 112 -8.49 9.65 1.89
CA ALA A 112 -9.23 9.77 3.14
C ALA A 112 -10.70 10.11 3.05
N GLY A 113 -11.42 9.83 4.14
CA GLY A 113 -12.84 10.13 4.25
C GLY A 113 -13.86 9.41 3.38
N ALA A 114 -13.53 8.22 2.88
CA ALA A 114 -14.49 7.50 2.04
C ALA A 114 -15.84 7.31 2.74
N PRO A 115 -16.94 7.19 1.98
CA PRO A 115 -18.28 6.99 2.55
C PRO A 115 -18.29 5.88 3.60
N LEU A 116 -18.98 6.17 4.68
CA LEU A 116 -19.07 5.30 5.82
C LEU A 116 -20.37 4.46 5.93
N ALA A 117 -20.24 3.18 6.29
CA ALA A 117 -21.44 2.32 6.37
C ALA A 117 -21.42 1.25 7.47
N GLN A 118 -22.59 0.98 8.03
CA GLN A 118 -22.77 -0.03 9.08
C GLN A 118 -22.89 -1.41 8.44
N GLY A 119 -22.08 -2.36 8.90
CA GLY A 119 -22.11 -3.73 8.39
C GLY A 119 -22.19 -4.12 6.92
N GLU A 120 -22.98 -3.40 6.12
CA GLU A 120 -23.16 -3.69 4.69
C GLU A 120 -23.01 -2.44 3.84
N VAL A 121 -22.59 -2.64 2.60
CA VAL A 121 -22.47 -1.52 1.68
C VAL A 121 -22.23 -2.01 0.25
N ARG A 122 -22.65 -1.23 -0.74
CA ARG A 122 -22.32 -1.59 -2.11
C ARG A 122 -21.18 -0.60 -2.40
N MET A 123 -20.13 -1.05 -3.09
CA MET A 123 -19.00 -0.18 -3.38
C MET A 123 -18.88 0.44 -4.78
N ASP A 124 -19.52 -0.17 -5.79
CA ASP A 124 -19.43 0.33 -7.18
C ASP A 124 -20.59 1.25 -7.60
N ASP A 125 -20.36 2.11 -8.59
CA ASP A 125 -21.42 3.00 -9.08
C ASP A 125 -22.28 2.39 -10.23
N GLY A 126 -22.14 1.09 -10.48
CA GLY A 126 -22.93 0.44 -11.50
C GLY A 126 -22.65 0.92 -12.91
N THR A 127 -21.38 1.17 -13.17
CA THR A 127 -20.90 1.66 -14.44
C THR A 127 -20.27 0.62 -15.36
N ASP A 128 -19.56 -0.33 -14.76
CA ASP A 128 -18.80 -1.38 -15.47
C ASP A 128 -19.55 -2.70 -15.95
N PRO A 129 -18.87 -3.55 -16.80
CA PRO A 129 -19.30 -4.84 -17.37
C PRO A 129 -18.36 -5.83 -16.62
N GLY A 130 -18.37 -5.70 -15.29
CA GLY A 130 -17.53 -6.54 -14.50
C GLY A 130 -18.29 -7.71 -13.96
N VAL A 131 -17.61 -8.44 -13.09
CA VAL A 131 -18.10 -9.59 -12.41
C VAL A 131 -18.40 -9.05 -11.01
N VAL A 132 -19.65 -9.16 -10.56
CA VAL A 132 -20.02 -8.72 -9.22
C VAL A 132 -19.17 -9.58 -8.30
N MET A 133 -18.67 -8.99 -7.23
CA MET A 133 -17.88 -9.71 -6.26
C MET A 133 -18.51 -9.52 -4.91
N PHE A 134 -18.75 -10.61 -4.19
CA PHE A 134 -19.32 -10.49 -2.86
C PHE A 134 -18.20 -10.74 -1.91
N LEU A 135 -17.94 -9.72 -1.09
CA LEU A 135 -16.85 -9.73 -0.13
C LEU A 135 -17.36 -9.78 1.30
N GLN A 136 -16.97 -10.78 2.07
CA GLN A 136 -17.42 -10.84 3.48
C GLN A 136 -16.48 -11.56 4.41
N GLY A 137 -16.55 -11.20 5.68
CA GLY A 137 -15.69 -11.81 6.68
C GLY A 137 -15.85 -11.13 8.03
N GLN A 138 -15.08 -11.56 9.02
CA GLN A 138 -15.17 -10.94 10.33
C GLN A 138 -13.83 -10.36 10.70
N VAL A 139 -13.85 -9.55 11.75
CA VAL A 139 -12.69 -8.94 12.33
C VAL A 139 -12.57 -9.73 13.66
N PHE A 140 -11.39 -10.28 13.90
CA PHE A 140 -11.16 -11.06 15.11
C PHE A 140 -10.23 -10.46 16.11
N ASP A 141 -10.43 -10.85 17.38
CA ASP A 141 -9.59 -10.36 18.44
C ASP A 141 -8.37 -11.28 18.60
N ALA A 142 -7.48 -10.90 19.50
CA ALA A 142 -6.28 -11.68 19.74
C ALA A 142 -6.60 -13.16 20.01
N ASN A 143 -7.77 -13.40 20.60
CA ASN A 143 -8.21 -14.76 20.97
C ASN A 143 -8.93 -15.56 19.89
N GLY A 144 -9.64 -14.88 19.00
CA GLY A 144 -10.36 -15.57 17.96
C GLY A 144 -11.83 -15.18 18.03
N LYS A 145 -12.11 -14.08 18.72
CA LYS A 145 -13.48 -13.62 18.84
C LYS A 145 -13.86 -12.41 18.00
N PRO A 146 -15.16 -12.29 17.69
CA PRO A 146 -15.72 -11.18 16.91
C PRO A 146 -15.56 -9.90 17.69
N LEU A 147 -15.13 -8.86 16.97
CA LEU A 147 -14.96 -7.53 17.51
C LEU A 147 -16.04 -6.73 16.81
N ALA A 148 -17.12 -6.41 17.50
CA ALA A 148 -18.15 -5.60 16.87
C ALA A 148 -17.61 -4.16 16.81
N GLY A 149 -18.04 -3.40 15.81
CA GLY A 149 -17.59 -2.01 15.71
C GLY A 149 -16.18 -1.67 15.24
N ALA A 150 -15.45 -2.61 14.62
CA ALA A 150 -14.13 -2.27 14.09
C ALA A 150 -14.42 -1.71 12.71
N THR A 151 -13.53 -0.85 12.23
CA THR A 151 -13.68 -0.22 10.91
C THR A 151 -12.82 -0.92 9.86
N VAL A 152 -13.41 -1.37 8.77
CA VAL A 152 -12.56 -1.94 7.74
C VAL A 152 -12.65 -0.92 6.60
N ASP A 153 -11.50 -0.28 6.34
CA ASP A 153 -11.32 0.76 5.32
C ASP A 153 -10.75 0.13 4.04
N LEU A 154 -11.56 -0.01 2.97
CA LEU A 154 -11.07 -0.65 1.75
C LEU A 154 -11.18 0.10 0.44
N TRP A 155 -10.20 -0.12 -0.43
CA TRP A 155 -10.16 0.52 -1.73
C TRP A 155 -9.54 -0.43 -2.76
N HIS A 156 -10.03 -0.42 -4.00
CA HIS A 156 -9.49 -1.29 -5.04
C HIS A 156 -9.78 -0.75 -6.43
N ALA A 157 -9.03 -1.24 -7.40
CA ALA A 157 -9.19 -0.80 -8.78
C ALA A 157 -10.47 -1.35 -9.40
N ASN A 158 -10.86 -0.74 -10.51
CA ASN A 158 -12.04 -1.15 -11.24
C ASN A 158 -11.62 -2.13 -12.36
N THR A 159 -12.53 -2.48 -13.27
CA THR A 159 -12.16 -3.43 -14.32
C THR A 159 -11.12 -2.88 -15.31
N GLN A 160 -11.00 -1.57 -15.46
CA GLN A 160 -9.96 -1.02 -16.36
C GLN A 160 -8.67 -1.04 -15.56
N GLY A 161 -8.80 -1.40 -14.28
CA GLY A 161 -7.62 -1.46 -13.45
C GLY A 161 -7.11 -0.11 -12.95
N THR A 162 -8.00 0.81 -12.60
CA THR A 162 -7.54 2.10 -12.08
C THR A 162 -8.30 2.39 -10.81
N TYR A 163 -7.81 3.35 -10.03
CA TYR A 163 -8.48 3.72 -8.79
C TYR A 163 -9.20 5.03 -8.95
N SER A 164 -10.32 5.20 -8.26
CA SER A 164 -11.04 6.45 -8.36
C SER A 164 -10.16 7.54 -7.75
N TYR A 165 -10.58 8.78 -7.91
CA TYR A 165 -9.84 9.91 -7.39
C TYR A 165 -8.62 10.26 -8.25
N PHE A 166 -7.79 9.29 -8.58
CA PHE A 166 -6.64 9.62 -9.41
C PHE A 166 -7.12 9.52 -10.82
N ASP A 167 -8.13 8.68 -11.03
CA ASP A 167 -8.70 8.54 -12.34
C ASP A 167 -9.95 9.38 -12.29
N SER A 168 -9.90 10.54 -12.94
CA SER A 168 -11.04 11.44 -12.95
C SER A 168 -12.26 10.89 -13.63
N THR A 169 -12.08 9.92 -14.53
CA THR A 169 -13.24 9.36 -15.23
C THR A 169 -14.14 8.67 -14.21
N GLN A 170 -13.57 8.15 -13.12
CA GLN A 170 -14.38 7.49 -12.10
C GLN A 170 -15.14 8.48 -11.24
N SER A 171 -16.27 8.05 -10.71
CA SER A 171 -17.09 8.93 -9.88
C SER A 171 -16.45 9.11 -8.50
N GLU A 172 -16.95 10.05 -7.70
CA GLU A 172 -16.38 10.24 -6.37
C GLU A 172 -16.34 8.91 -5.57
N PHE A 173 -15.21 8.68 -4.88
CA PHE A 173 -14.94 7.50 -4.05
C PHE A 173 -15.46 6.15 -4.53
N ASN A 174 -15.42 5.94 -5.84
CA ASN A 174 -15.88 4.67 -6.40
C ASN A 174 -14.93 3.57 -5.92
N LEU A 175 -15.50 2.44 -5.53
CA LEU A 175 -14.71 1.32 -5.01
C LEU A 175 -13.93 1.72 -3.73
N ARG A 176 -14.48 2.66 -2.98
CA ARG A 176 -13.85 3.14 -1.73
C ARG A 176 -14.88 3.27 -0.60
N ARG A 177 -14.67 2.56 0.49
CA ARG A 177 -15.59 2.63 1.61
C ARG A 177 -15.03 2.26 3.00
N ARG A 178 -15.72 2.76 4.02
CA ARG A 178 -15.36 2.42 5.37
C ARG A 178 -16.57 1.68 5.94
N ILE A 179 -16.40 0.37 6.11
CA ILE A 179 -17.44 -0.53 6.64
C ILE A 179 -17.27 -0.76 8.14
N ILE A 180 -18.31 -0.53 8.91
CA ILE A 180 -18.27 -0.76 10.38
C ILE A 180 -18.75 -2.19 10.69
N THR A 181 -17.97 -3.00 11.40
CA THR A 181 -18.45 -4.36 11.66
C THR A 181 -19.65 -4.38 12.61
N ASP A 182 -20.59 -5.31 12.38
CA ASP A 182 -21.78 -5.45 13.23
C ASP A 182 -21.58 -6.30 14.52
N ALA A 183 -22.66 -6.53 15.26
CA ALA A 183 -22.62 -7.31 16.49
C ALA A 183 -21.82 -8.59 16.34
N GLU A 184 -22.00 -9.26 15.21
CA GLU A 184 -21.28 -10.50 14.99
C GLU A 184 -19.84 -10.23 14.49
N GLY A 185 -19.47 -8.95 14.47
CA GLY A 185 -18.14 -8.56 14.03
C GLY A 185 -17.89 -8.79 12.56
N ARG A 186 -18.93 -8.71 11.74
CA ARG A 186 -18.72 -8.94 10.32
C ARG A 186 -18.97 -7.74 9.42
N TYR A 187 -18.41 -7.84 8.22
CA TYR A 187 -18.53 -6.79 7.22
C TYR A 187 -18.98 -7.55 5.98
N ARG A 188 -19.82 -6.89 5.19
CA ARG A 188 -20.38 -7.43 3.93
C ARG A 188 -20.16 -6.40 2.82
N ALA A 189 -19.62 -6.79 1.68
CA ALA A 189 -19.42 -5.80 0.61
C ALA A 189 -19.77 -6.29 -0.80
N ARG A 190 -20.76 -5.66 -1.42
CA ARG A 190 -21.18 -6.01 -2.78
C ARG A 190 -20.35 -5.09 -3.69
N SER A 191 -19.54 -5.67 -4.57
CA SER A 191 -18.71 -4.84 -5.43
C SER A 191 -18.40 -5.49 -6.79
N ILE A 192 -17.17 -5.32 -7.29
CA ILE A 192 -16.76 -5.94 -8.55
C ILE A 192 -15.31 -6.41 -8.53
N VAL A 193 -15.05 -7.52 -9.20
CA VAL A 193 -13.70 -8.05 -9.24
C VAL A 193 -12.78 -7.01 -9.86
N PRO A 194 -11.74 -6.58 -9.13
CA PRO A 194 -10.78 -5.58 -9.60
C PRO A 194 -9.76 -6.18 -10.52
N SER A 195 -9.12 -5.36 -11.32
CA SER A 195 -8.10 -5.90 -12.21
C SER A 195 -6.71 -5.57 -11.70
N GLY A 196 -5.76 -6.40 -12.09
CA GLY A 196 -4.38 -6.14 -11.75
C GLY A 196 -4.07 -4.93 -12.63
N TYR A 197 -2.96 -4.26 -12.37
CA TYR A 197 -2.61 -3.10 -13.16
C TYR A 197 -1.13 -2.94 -13.28
N GLY A 198 -0.69 -2.12 -14.21
CA GLY A 198 0.72 -1.90 -14.37
C GLY A 198 1.01 -0.43 -14.20
N CYS A 199 2.28 -0.09 -14.03
CA CYS A 199 2.64 1.32 -13.89
C CYS A 199 2.40 1.94 -15.24
N ASP A 200 2.41 3.26 -15.30
CA ASP A 200 2.23 3.95 -16.57
C ASP A 200 3.43 3.59 -17.45
N PRO A 201 3.20 2.99 -18.63
CA PRO A 201 4.29 2.60 -19.53
C PRO A 201 5.24 3.71 -19.98
N GLN A 202 4.77 4.94 -19.96
CA GLN A 202 5.62 6.06 -20.36
C GLN A 202 5.83 6.96 -19.15
N GLY A 203 5.87 6.35 -17.97
CA GLY A 203 6.09 7.08 -16.75
C GLY A 203 7.48 6.84 -16.18
N PRO A 204 7.92 7.67 -15.23
CA PRO A 204 9.24 7.57 -14.60
C PRO A 204 9.54 6.21 -13.97
N THR A 205 8.58 5.68 -13.22
CA THR A 205 8.78 4.39 -12.58
C THR A 205 9.13 3.27 -13.58
N GLN A 206 8.28 3.09 -14.58
CA GLN A 206 8.50 2.07 -15.57
C GLN A 206 9.79 2.30 -16.35
N GLU A 207 10.13 3.56 -16.64
CA GLU A 207 11.35 3.72 -17.41
C GLU A 207 12.50 3.22 -16.57
N CYS A 208 12.41 3.32 -15.24
CA CYS A 208 13.48 2.80 -14.41
C CYS A 208 13.47 1.26 -14.46
N LEU A 209 12.33 0.65 -14.14
CA LEU A 209 12.17 -0.79 -14.17
C LEU A 209 12.62 -1.34 -15.52
N ASP A 210 12.38 -0.61 -16.60
CA ASP A 210 12.80 -1.12 -17.89
C ASP A 210 14.28 -1.35 -17.92
N LEU A 211 15.01 -0.39 -17.35
CA LEU A 211 16.46 -0.47 -17.30
C LEU A 211 16.88 -1.57 -16.37
N LEU A 212 15.96 -2.04 -15.55
CA LEU A 212 16.28 -3.14 -14.69
C LEU A 212 15.87 -4.44 -15.36
N GLY A 213 15.23 -4.31 -16.52
CA GLY A 213 14.75 -5.44 -17.29
C GLY A 213 13.45 -5.93 -16.67
N ARG A 214 12.91 -5.16 -15.75
CA ARG A 214 11.71 -5.59 -15.04
C ARG A 214 10.33 -5.09 -15.49
N HIS A 215 9.29 -5.85 -15.13
CA HIS A 215 7.92 -5.46 -15.47
C HIS A 215 7.33 -4.66 -14.31
N GLY A 216 6.30 -3.88 -14.59
CA GLY A 216 5.70 -3.08 -13.56
C GLY A 216 4.25 -3.45 -13.33
N GLN A 217 3.99 -4.74 -13.20
CA GLN A 217 2.63 -5.26 -12.98
C GLN A 217 2.38 -5.73 -11.59
N ARG A 218 1.11 -5.63 -11.17
CA ARG A 218 0.66 -6.13 -9.88
C ARG A 218 -0.57 -7.02 -10.06
N PRO A 219 -0.79 -8.00 -9.15
CA PRO A 219 -1.93 -8.91 -9.20
C PRO A 219 -3.20 -8.19 -8.73
N ALA A 220 -4.36 -8.71 -9.09
CA ALA A 220 -5.60 -8.12 -8.64
C ALA A 220 -5.63 -8.22 -7.10
N HIS A 221 -5.94 -7.12 -6.43
CA HIS A 221 -5.97 -7.15 -4.99
C HIS A 221 -6.96 -6.16 -4.41
N VAL A 222 -7.09 -6.15 -3.08
CA VAL A 222 -8.01 -5.24 -2.41
C VAL A 222 -7.26 -4.72 -1.21
N HIS A 223 -7.14 -3.41 -1.06
CA HIS A 223 -6.41 -2.85 0.10
C HIS A 223 -7.25 -2.69 1.40
N PHE A 224 -6.62 -2.95 2.54
CA PHE A 224 -7.33 -2.77 3.81
C PHE A 224 -6.60 -2.03 4.88
N PHE A 225 -7.35 -1.22 5.58
CA PHE A 225 -6.89 -0.46 6.75
C PHE A 225 -7.90 -1.00 7.77
N ILE A 226 -7.42 -1.69 8.79
CA ILE A 226 -8.31 -2.27 9.78
C ILE A 226 -7.87 -1.81 11.16
N SER A 227 -8.82 -1.30 11.92
CA SER A 227 -8.51 -0.77 13.21
C SER A 227 -9.73 -0.82 14.10
N ALA A 228 -9.51 -0.97 15.39
CA ALA A 228 -10.57 -1.06 16.38
C ALA A 228 -10.11 -0.51 17.71
N PHE A 229 -11.00 0.24 18.36
CA PHE A 229 -10.72 0.83 19.65
C PHE A 229 -9.99 -0.19 20.52
N GLY A 230 -8.77 0.14 20.92
CA GLY A 230 -8.01 -0.77 21.78
C GLY A 230 -7.32 -1.92 21.06
N HIS A 231 -7.09 -1.74 19.76
CA HIS A 231 -6.42 -2.77 18.99
C HIS A 231 -5.37 -2.14 18.05
N ARG A 232 -4.41 -2.95 17.61
CA ARG A 232 -3.35 -2.44 16.76
C ARG A 232 -3.79 -2.33 15.29
N HIS A 233 -3.61 -1.13 14.74
CA HIS A 233 -3.97 -0.81 13.37
C HIS A 233 -3.21 -1.70 12.41
N LEU A 234 -3.89 -2.22 11.39
CA LEU A 234 -3.27 -3.13 10.40
C LEU A 234 -3.49 -2.67 8.94
N THR A 235 -2.40 -2.67 8.17
CA THR A 235 -2.44 -2.29 6.77
C THR A 235 -2.15 -3.60 6.08
N THR A 236 -3.05 -4.02 5.19
CA THR A 236 -2.83 -5.27 4.48
C THR A 236 -3.61 -5.31 3.16
N GLN A 237 -3.45 -6.40 2.42
CA GLN A 237 -4.13 -6.61 1.13
C GLN A 237 -4.67 -8.03 1.08
N ILE A 238 -5.63 -8.26 0.19
CA ILE A 238 -6.11 -9.63 -0.09
C ILE A 238 -5.67 -9.74 -1.56
N ASN A 239 -4.87 -10.74 -1.93
CA ASN A 239 -4.51 -10.92 -3.34
C ASN A 239 -5.39 -12.03 -3.87
N PHE A 240 -5.95 -11.84 -5.06
CA PHE A 240 -6.83 -12.85 -5.67
C PHE A 240 -6.14 -14.10 -6.16
N ALA A 241 -6.76 -15.24 -5.89
CA ALA A 241 -6.14 -16.49 -6.30
C ALA A 241 -6.20 -16.70 -7.81
N GLY A 242 -5.13 -17.22 -8.40
CA GLY A 242 -5.12 -17.50 -9.82
C GLY A 242 -4.54 -16.45 -10.74
N ASP A 243 -4.26 -15.27 -10.21
CA ASP A 243 -3.70 -14.19 -11.00
C ASP A 243 -2.30 -14.59 -11.46
N LYS A 244 -2.01 -14.35 -12.73
CA LYS A 244 -0.71 -14.61 -13.33
C LYS A 244 0.43 -14.11 -12.44
N TYR A 245 0.26 -12.92 -11.87
CA TYR A 245 1.29 -12.31 -11.04
C TYR A 245 1.28 -12.51 -9.51
N LEU A 246 0.34 -13.34 -9.03
CA LEU A 246 0.19 -13.65 -7.62
C LEU A 246 1.54 -13.66 -6.91
N TRP A 247 2.48 -14.41 -7.46
CA TRP A 247 3.81 -14.51 -6.86
C TRP A 247 4.90 -13.97 -7.78
N ASP A 248 4.65 -12.80 -8.39
CA ASP A 248 5.61 -12.15 -9.28
C ASP A 248 5.29 -10.65 -9.33
N ASP A 249 4.72 -10.18 -8.22
CA ASP A 249 4.31 -8.78 -8.02
C ASP A 249 5.54 -7.87 -8.07
N PHE A 250 5.48 -6.80 -8.86
CA PHE A 250 6.62 -5.89 -8.97
C PHE A 250 6.89 -5.05 -7.70
N ALA A 251 5.95 -5.09 -6.75
CA ALA A 251 6.07 -4.37 -5.48
C ALA A 251 6.20 -5.36 -4.34
N TYR A 252 6.35 -6.63 -4.69
CA TYR A 252 6.53 -7.71 -3.73
C TYR A 252 5.65 -7.68 -2.50
N ALA A 253 4.36 -7.40 -2.67
CA ALA A 253 3.48 -7.37 -1.50
C ALA A 253 2.85 -8.74 -1.16
N THR A 254 2.62 -9.58 -2.15
CA THR A 254 2.03 -10.89 -1.86
C THR A 254 2.80 -11.72 -0.81
N ARG A 255 2.06 -12.18 0.20
CA ARG A 255 2.56 -12.98 1.29
C ARG A 255 1.65 -14.15 1.58
N ASP A 256 2.20 -15.18 2.23
CA ASP A 256 1.40 -16.33 2.61
C ASP A 256 0.37 -15.91 3.63
N GLY A 257 -0.85 -16.42 3.45
CA GLY A 257 -1.91 -16.09 4.38
C GLY A 257 -2.62 -14.84 3.94
N LEU A 258 -2.20 -14.31 2.79
CA LEU A 258 -2.80 -13.08 2.26
C LEU A 258 -3.49 -13.32 0.93
N ILE A 259 -3.61 -14.60 0.57
CA ILE A 259 -4.26 -14.95 -0.69
C ILE A 259 -5.73 -15.30 -0.52
N GLY A 260 -6.58 -14.58 -1.23
CA GLY A 260 -8.00 -14.83 -1.15
C GLY A 260 -8.35 -15.94 -2.12
N GLU A 261 -9.24 -16.82 -1.69
CA GLU A 261 -9.66 -17.91 -2.53
C GLU A 261 -11.03 -17.48 -3.08
N LEU A 262 -11.06 -17.20 -4.36
CA LEU A 262 -12.27 -16.74 -4.98
C LEU A 262 -13.10 -17.92 -5.49
N ARG A 263 -14.42 -17.85 -5.30
CA ARG A 263 -15.33 -18.91 -5.74
C ARG A 263 -16.35 -18.34 -6.68
N PHE A 264 -16.46 -18.95 -7.86
CA PHE A 264 -17.43 -18.51 -8.85
C PHE A 264 -18.75 -19.27 -8.83
N VAL A 265 -19.84 -18.53 -8.79
CA VAL A 265 -21.17 -19.10 -8.79
C VAL A 265 -21.79 -18.80 -10.17
N GLU A 266 -22.15 -19.84 -10.94
CA GLU A 266 -22.75 -19.63 -12.27
C GLU A 266 -24.22 -19.99 -12.36
N ASP A 267 -25.04 -19.06 -12.84
CA ASP A 267 -26.47 -19.32 -13.03
C ASP A 267 -27.19 -18.23 -13.81
N ALA A 268 -27.32 -18.42 -15.12
CA ALA A 268 -27.99 -17.44 -15.95
C ALA A 268 -29.08 -16.73 -15.14
N ALA A 269 -29.82 -17.48 -14.32
CA ALA A 269 -30.88 -16.90 -13.52
C ALA A 269 -30.66 -16.92 -12.01
N ALA A 270 -29.75 -16.08 -11.52
CA ALA A 270 -29.47 -15.99 -10.08
C ALA A 270 -30.53 -15.06 -9.45
N ALA A 271 -31.73 -15.04 -10.06
CA ALA A 271 -32.89 -14.23 -9.66
C ALA A 271 -33.23 -14.29 -8.17
N ARG A 272 -33.71 -15.45 -7.73
CA ARG A 272 -34.08 -15.68 -6.33
C ARG A 272 -32.90 -16.38 -5.66
N ASP A 273 -32.85 -16.34 -4.31
CA ASP A 273 -31.81 -16.98 -3.49
C ASP A 273 -30.67 -16.12 -2.90
N ARG A 274 -30.27 -15.02 -3.55
CA ARG A 274 -29.16 -14.20 -3.01
C ARG A 274 -29.02 -12.71 -3.41
N GLY A 275 -30.10 -12.07 -3.86
CA GLY A 275 -29.98 -10.67 -4.25
C GLY A 275 -29.00 -10.48 -5.39
N VAL A 276 -29.09 -11.37 -6.39
CA VAL A 276 -28.23 -11.35 -7.58
C VAL A 276 -29.18 -11.40 -8.81
N GLN A 277 -28.77 -12.08 -9.90
CA GLN A 277 -29.61 -12.16 -11.09
C GLN A 277 -29.16 -13.14 -12.19
N GLY A 278 -27.90 -13.08 -12.64
CA GLY A 278 -27.52 -14.03 -13.68
C GLY A 278 -26.11 -14.30 -14.14
N GLU A 279 -25.99 -15.41 -14.86
CA GLU A 279 -24.76 -15.89 -15.47
C GLU A 279 -23.43 -16.00 -14.72
N ARG A 280 -23.25 -15.30 -13.59
CA ARG A 280 -21.96 -15.39 -12.87
C ARG A 280 -21.62 -14.23 -11.92
N PHE A 281 -20.94 -14.57 -10.84
CA PHE A 281 -20.50 -13.59 -9.86
C PHE A 281 -19.46 -14.26 -8.95
N ALA A 282 -18.66 -13.45 -8.26
CA ALA A 282 -17.60 -13.99 -7.42
C ALA A 282 -17.99 -13.88 -5.98
N GLU A 283 -17.40 -14.75 -5.17
CA GLU A 283 -17.62 -14.78 -3.73
C GLU A 283 -16.29 -14.99 -3.08
N LEU A 284 -16.01 -14.19 -2.08
CA LEU A 284 -14.75 -14.26 -1.39
C LEU A 284 -14.95 -13.93 0.09
N SER A 285 -14.42 -14.79 0.96
CA SER A 285 -14.56 -14.54 2.38
C SER A 285 -13.17 -14.54 2.99
N PHE A 286 -12.92 -13.53 3.81
CA PHE A 286 -11.63 -13.40 4.43
C PHE A 286 -11.81 -12.65 5.75
N ASP A 287 -11.17 -13.17 6.80
CA ASP A 287 -11.23 -12.59 8.14
C ASP A 287 -9.89 -12.01 8.56
N PHE A 288 -9.96 -10.95 9.35
CA PHE A 288 -8.74 -10.31 9.82
C PHE A 288 -8.75 -10.52 11.31
N ARG A 289 -7.58 -10.88 11.83
CA ARG A 289 -7.40 -11.13 13.24
C ARG A 289 -6.42 -10.04 13.69
N LEU A 290 -6.83 -9.22 14.65
CA LEU A 290 -5.97 -8.12 15.13
C LEU A 290 -5.22 -8.45 16.41
N GLN A 291 -4.34 -7.52 16.79
CA GLN A 291 -3.54 -7.67 17.99
C GLN A 291 -3.96 -6.68 19.04
N GLY A 292 -3.72 -7.05 20.30
CA GLY A 292 -4.03 -6.18 21.41
C GLY A 292 -3.13 -4.96 21.26
N ALA A 293 -3.71 -3.76 21.36
CA ALA A 293 -2.91 -2.55 21.27
C ALA A 293 -2.31 -2.35 22.65
N GLN A 294 -1.17 -1.67 22.69
CA GLN A 294 -0.52 -1.40 23.97
C GLN A 294 -0.14 0.07 23.99
N SER A 295 -1.00 0.89 23.38
CA SER A 295 -0.80 2.33 23.28
C SER A 295 -1.74 2.94 22.25
N PRO A 296 -2.00 4.26 22.33
CA PRO A 296 -2.89 4.89 21.36
C PRO A 296 -2.14 4.83 20.02
N ASP A 297 -0.80 4.84 20.12
CA ASP A 297 0.09 4.75 18.95
C ASP A 297 -0.36 3.56 18.12
N ALA A 298 -0.74 2.49 18.82
CA ALA A 298 -1.20 1.25 18.20
C ALA A 298 -2.19 1.47 17.05
N GLU A 299 -3.32 2.15 17.30
CA GLU A 299 -4.22 2.44 16.16
C GLU A 299 -3.96 3.85 15.84
N ALA A 300 -3.36 4.13 14.71
CA ALA A 300 -3.12 5.53 14.40
C ALA A 300 -2.61 5.81 13.02
N ARG A 301 -2.45 4.77 12.20
CA ARG A 301 -1.95 5.04 10.87
C ARG A 301 -0.62 5.79 10.97
N SER A 302 0.25 5.59 9.98
CA SER A 302 1.50 6.29 9.95
C SER A 302 1.07 7.73 9.68
N HIS A 303 1.99 8.68 9.81
CA HIS A 303 1.65 10.05 9.49
C HIS A 303 1.91 10.20 7.99
N ARG A 304 2.10 9.09 7.31
CA ARG A 304 2.31 9.15 5.88
C ARG A 304 1.23 10.08 5.29
N PRO A 305 1.64 11.05 4.47
CA PRO A 305 0.73 12.01 3.82
C PRO A 305 -0.19 11.26 2.82
N ARG A 306 -1.47 11.64 2.75
CA ARG A 306 -2.37 10.94 1.86
C ARG A 306 -3.41 11.84 1.26
N ALA A 307 -3.86 11.48 0.07
CA ALA A 307 -4.86 12.26 -0.59
C ALA A 307 -6.02 12.56 0.34
N LEU A 308 -6.27 13.85 0.49
CA LEU A 308 -7.36 14.32 1.31
C LEU A 308 -7.33 14.20 2.83
N GLN A 309 -6.24 13.76 3.47
CA GLN A 309 -6.38 13.74 4.91
C GLN A 309 -6.25 15.15 5.46
N GLU A 310 -5.93 16.08 4.56
CA GLU A 310 -5.77 17.51 4.86
C GLU A 310 -5.16 17.85 6.22
N GLY A 311 -4.16 17.07 6.63
CA GLY A 311 -3.50 17.32 7.90
C GLY A 311 -2.15 17.94 7.62
FE FE B . -3.19 -1.11 -5.23
N PCF C . 18.23 8.47 -25.51
P PCF C . 20.29 6.06 -21.90
O11 PCF C . 20.43 6.14 -20.29
O12 PCF C . 21.60 5.73 -22.49
O13 PCF C . 19.90 7.58 -22.27
O14 PCF C . 19.15 5.15 -22.19
C11 PCF C . 19.81 8.07 -23.61
C12 PCF C . 18.40 7.90 -24.16
C13 PCF C . 18.45 9.92 -25.49
C14 PCF C . 19.18 7.85 -26.46
C15 PCF C . 16.86 8.21 -25.98
C1 PCF C . 19.50 6.96 -19.57
C2 PCF C . 19.36 6.66 -18.06
C3 PCF C . 20.68 6.75 -17.29
O31 PCF C . 21.60 7.72 -17.83
O32 PCF C . 23.72 8.44 -17.60
C31 PCF C . 22.78 7.76 -17.16
C32 PCF C . 22.92 6.84 -15.95
C33 PCF C . 21.92 7.17 -14.85
C34 PCF C . 22.02 6.22 -13.65
C35 PCF C . 21.56 6.84 -12.34
C36 PCF C . 22.67 6.66 -11.31
C37 PCF C . 22.79 7.94 -10.47
C38 PCF C . 23.61 7.74 -9.20
C39 PCF C . 23.51 9.12 -8.54
C40 PCF C . 23.78 9.01 -7.03
C41 PCF C . 23.40 10.31 -6.31
C42 PCF C . 21.97 10.78 -6.62
C43 PCF C . 21.51 11.73 -5.53
O21 PCF C . 18.35 7.58 -17.62
O22 PCF C . 16.77 8.14 -16.19
C21 PCF C . 17.63 7.33 -16.49
C22 PCF C . 17.80 6.09 -15.60
C23 PCF C . 17.79 6.60 -14.15
C24 PCF C . 17.09 5.71 -13.11
C25 PCF C . 17.66 5.82 -11.68
C26 PCF C . 17.80 7.28 -11.20
C27 PCF C . 18.35 7.39 -9.78
C28 PCF C . 17.32 7.64 -8.68
C29 PCF C . 18.04 8.36 -7.53
C30 PCF C . 17.30 8.21 -6.20
C44 PCF C . 20.48 12.76 -6.00
C45 PCF C . 20.18 13.61 -4.93
C46 PCF C . 19.66 14.88 -5.16
#